data_5XMA
#
_entry.id   5XMA
#
_cell.length_a   78.846
_cell.length_b   78.846
_cell.length_c   241.677
_cell.angle_alpha   90.00
_cell.angle_beta   90.00
_cell.angle_gamma   90.00
#
_symmetry.space_group_name_H-M   'P 43 21 2'
#
loop_
_entity.id
_entity.type
_entity.pdbx_description
1 polymer 'Repair DNA polymerase X'
2 polymer 'DNA (36-MER)'
3 polymer "DNA/RNA (5'-D(*AP*CP*GP*AP*GP*AP*GP*AP*GP*AP*T)-R(P*G)-D(P*GP*GP*TP*GP*CP*GP*TP*TP*AP*CP*A)-3')"
#
loop_
_entity_poly.entity_id
_entity_poly.type
_entity_poly.pdbx_seq_one_letter_code
_entity_poly.pdbx_strand_id
1 'polypeptide(L)'
;GGSMLTLIQGKKIVNHLRSRLAFEYNGQLIKILSKNIVAVGSLRREEKMLNDVDLLIIVPEKKLLKHVLPNIRIKGLSFS
VKVCGERKCVLFIEWEKKTYQLDLFTALAEEKPYAIFHFTGPVSYLIRIRAALKKKNYKLNQYGLFKNQTLVPLKITTEK
ELIKELGFTYRIPKKRL
;
A,B
2 'polydeoxyribonucleotide'
;(DT)(DG)(DT)(DA)(DA)(DC)(DG)(DC)(DA)(DC)(DT)(DG)(DC)(DC)(DA)(DG)(DC)(DG)(DG)(DC)
(DT)(DC)(DG)(DA)(DA)(DA)(DT)(DC)(DT)(DC)(DT)(DC)(DT)(DC)(DG)(DT)
;
E
3 'polydeoxyribonucleotide/polyribonucleotide hybrid'
;(DA)(DC)(DG)(DA)(DG)(DA)(DG)(DA)(DG)(DA)(DT)G(DG)(DG)(DT)(DG)(DC)(DG)(DT)(DT)
(DA)(DC)(DA)
;
F
#
loop_
_chem_comp.id
_chem_comp.type
_chem_comp.name
_chem_comp.formula
DA DNA linking 2'-DEOXYADENOSINE-5'-MONOPHOSPHATE 'C10 H14 N5 O6 P'
DC DNA linking 2'-DEOXYCYTIDINE-5'-MONOPHOSPHATE 'C9 H14 N3 O7 P'
DG DNA linking 2'-DEOXYGUANOSINE-5'-MONOPHOSPHATE 'C10 H14 N5 O7 P'
DT DNA linking THYMIDINE-5'-MONOPHOSPHATE 'C10 H15 N2 O8 P'
G RNA linking GUANOSINE-5'-MONOPHOSPHATE 'C10 H14 N5 O8 P'
#
# COMPACT_ATOMS: atom_id res chain seq x y z
N MET A 4 21.62 34.49 13.78
CA MET A 4 21.90 34.43 12.36
C MET A 4 23.16 33.61 12.08
N LEU A 5 23.29 33.10 10.87
CA LEU A 5 24.41 32.26 10.49
C LEU A 5 25.03 32.76 9.21
N THR A 6 26.34 32.52 9.06
CA THR A 6 26.99 32.75 7.78
C THR A 6 26.48 31.74 6.75
N LEU A 7 26.70 32.07 5.48
CA LEU A 7 26.32 31.15 4.40
C LEU A 7 26.92 29.77 4.61
N ILE A 8 28.23 29.71 4.87
CA ILE A 8 28.89 28.42 5.06
C ILE A 8 28.44 27.76 6.37
N GLN A 9 28.15 28.56 7.39
CA GLN A 9 27.68 28.00 8.66
C GLN A 9 26.46 27.11 8.47
N GLY A 10 25.46 27.60 7.72
CA GLY A 10 24.31 26.77 7.41
C GLY A 10 24.68 25.56 6.57
N LYS A 11 25.52 25.76 5.56
CA LYS A 11 25.95 24.65 4.70
C LYS A 11 26.63 23.56 5.50
N LYS A 12 27.58 23.93 6.36
CA LYS A 12 28.25 22.95 7.21
C LYS A 12 27.25 22.14 8.03
N ILE A 13 26.13 22.77 8.42
CA ILE A 13 25.10 22.06 9.17
C ILE A 13 24.36 21.09 8.25
N VAL A 14 24.04 21.53 7.02
CA VAL A 14 23.15 20.78 6.14
C VAL A 14 23.66 19.36 5.93
N ASN A 15 24.96 19.22 5.67
CA ASN A 15 25.52 17.90 5.40
C ASN A 15 25.42 17.01 6.63
N HIS A 16 25.54 17.58 7.83
CA HIS A 16 25.39 16.80 9.05
C HIS A 16 23.96 16.27 9.18
N LEU A 17 22.98 16.93 8.56
CA LEU A 17 21.58 16.57 8.77
C LEU A 17 21.10 15.51 7.78
N ARG A 18 21.50 15.60 6.52
CA ARG A 18 20.98 14.71 5.48
C ARG A 18 21.13 13.24 5.84
N SER A 19 22.06 12.89 6.71
CA SER A 19 22.24 11.51 7.14
C SER A 19 21.43 11.18 8.39
N ARG A 20 21.22 12.16 9.26
CA ARG A 20 20.63 11.90 10.57
C ARG A 20 19.19 12.42 10.65
N LEU A 21 18.34 11.96 9.73
CA LEU A 21 16.97 12.44 9.63
C LEU A 21 16.02 11.25 9.64
N ALA A 22 14.91 11.40 10.36
CA ALA A 22 13.90 10.35 10.43
C ALA A 22 12.62 10.95 10.98
N PHE A 23 11.50 10.32 10.63
CA PHE A 23 10.21 10.66 11.20
C PHE A 23 9.53 9.39 11.69
N GLU A 24 8.80 9.50 12.80
CA GLU A 24 8.19 8.35 13.43
C GLU A 24 6.80 8.10 12.83
N TYR A 25 6.40 6.83 12.80
CA TYR A 25 5.17 6.42 12.14
C TYR A 25 4.83 4.98 12.50
N ASN A 26 3.89 4.81 13.43
CA ASN A 26 3.46 3.50 13.92
C ASN A 26 4.64 2.72 14.50
N GLY A 27 5.49 3.41 15.27
CA GLY A 27 6.68 2.80 15.83
C GLY A 27 7.79 2.60 14.82
N GLN A 28 7.42 2.54 13.53
CA GLN A 28 8.37 2.36 12.45
C GLN A 28 9.05 3.70 12.19
N LEU A 29 10.26 3.87 12.72
CA LEU A 29 11.05 5.07 12.44
C LEU A 29 11.62 4.99 11.03
N ILE A 30 11.19 5.91 10.17
CA ILE A 30 11.50 5.86 8.74
C ILE A 30 12.51 6.96 8.43
N LYS A 31 13.65 6.57 7.89
CA LYS A 31 14.70 7.52 7.56
C LYS A 31 14.31 8.35 6.33
N ILE A 32 14.84 9.57 6.28
CA ILE A 32 14.63 10.48 5.15
C ILE A 32 15.90 10.47 4.31
N LEU A 33 15.74 10.22 3.01
CA LEU A 33 16.88 10.06 2.13
C LEU A 33 17.39 11.41 1.66
N SER A 34 18.71 11.52 1.51
CA SER A 34 19.32 12.80 1.15
C SER A 34 18.91 13.25 -0.24
N LYS A 35 18.59 12.31 -1.13
CA LYS A 35 18.15 12.69 -2.47
C LYS A 35 16.87 13.51 -2.43
N ASN A 36 15.89 13.05 -1.65
CA ASN A 36 14.62 13.74 -1.47
C ASN A 36 14.74 14.98 -0.61
N ILE A 37 15.95 15.42 -0.25
CA ILE A 37 16.16 16.64 0.53
C ILE A 37 16.76 17.69 -0.38
N VAL A 38 16.20 18.90 -0.34
CA VAL A 38 16.68 20.03 -1.12
C VAL A 38 16.71 21.27 -0.23
N ALA A 39 17.79 22.02 -0.29
CA ALA A 39 17.94 23.25 0.49
C ALA A 39 17.50 24.45 -0.33
N VAL A 40 16.84 25.40 0.34
CA VAL A 40 16.27 26.56 -0.34
C VAL A 40 16.45 27.79 0.54
N GLY A 41 15.70 28.85 0.25
CA GLY A 41 15.75 30.03 1.06
C GLY A 41 16.97 30.89 0.78
N SER A 42 17.29 31.74 1.75
CA SER A 42 18.51 32.54 1.69
C SER A 42 19.75 31.67 1.49
N LEU A 43 19.70 30.42 1.94
CA LEU A 43 20.82 29.50 1.72
C LEU A 43 21.07 29.25 0.24
N ARG A 44 20.05 28.75 -0.47
CA ARG A 44 20.21 28.48 -1.89
C ARG A 44 20.56 29.75 -2.65
N ARG A 45 19.96 30.87 -2.28
CA ARG A 45 20.29 32.15 -2.90
C ARG A 45 21.74 32.56 -2.65
N GLU A 46 22.49 31.80 -1.84
CA GLU A 46 23.90 32.08 -1.56
C GLU A 46 24.08 33.48 -0.96
N GLU A 47 23.07 33.94 -0.23
CA GLU A 47 23.18 35.20 0.50
C GLU A 47 24.24 35.08 1.59
N LYS A 48 24.95 36.17 1.83
CA LYS A 48 26.10 36.14 2.73
C LYS A 48 25.69 35.76 4.14
N MET A 49 24.70 36.44 4.71
CA MET A 49 24.23 36.18 6.05
C MET A 49 22.87 35.51 6.01
N LEU A 50 22.70 34.45 6.80
CA LEU A 50 21.46 33.68 6.83
C LEU A 50 20.68 34.05 8.09
N ASN A 51 19.43 34.48 7.91
CA ASN A 51 18.55 34.69 9.05
C ASN A 51 18.12 33.37 9.65
N ASP A 52 17.92 32.35 8.81
CA ASP A 52 17.55 31.02 9.26
C ASP A 52 17.87 30.03 8.14
N VAL A 53 17.48 28.78 8.33
CA VAL A 53 17.77 27.70 7.39
C VAL A 53 16.45 27.14 6.89
N ASP A 54 16.41 26.81 5.60
CA ASP A 54 15.17 26.44 4.93
C ASP A 54 15.40 25.18 4.10
N LEU A 55 14.61 24.15 4.36
CA LEU A 55 14.76 22.86 3.70
C LEU A 55 13.42 22.39 3.17
N LEU A 56 13.44 21.79 1.99
CA LEU A 56 12.26 21.20 1.38
C LEU A 56 12.43 19.69 1.33
N ILE A 57 11.31 18.97 1.37
CA ILE A 57 11.32 17.51 1.46
C ILE A 57 10.39 16.96 0.40
N ILE A 58 10.86 15.95 -0.33
CA ILE A 58 10.07 15.28 -1.35
C ILE A 58 9.40 14.06 -0.69
N VAL A 59 8.13 14.21 -0.37
CA VAL A 59 7.33 13.11 0.18
C VAL A 59 6.69 12.38 -0.99
N PRO A 60 6.90 11.07 -1.14
CA PRO A 60 6.40 10.39 -2.34
C PRO A 60 4.92 10.06 -2.32
N GLU A 61 4.29 9.96 -1.14
CA GLU A 61 2.93 9.45 -1.05
C GLU A 61 2.07 10.44 -0.27
N LYS A 62 0.79 10.55 -0.68
CA LYS A 62 -0.08 11.58 -0.14
C LYS A 62 -0.46 11.32 1.30
N LYS A 63 -0.71 10.06 1.67
CA LYS A 63 -1.17 9.76 3.01
C LYS A 63 -0.12 10.09 4.06
N LEU A 64 1.16 10.06 3.67
CA LEU A 64 2.26 10.31 4.60
C LEU A 64 2.24 11.72 5.18
N LEU A 65 1.61 12.67 4.49
CA LEU A 65 1.67 14.09 4.85
C LEU A 65 1.48 14.34 6.34
N LYS A 66 0.37 13.87 6.90
CA LYS A 66 0.04 14.09 8.31
C LYS A 66 0.85 13.23 9.27
N HIS A 67 1.95 12.61 8.81
CA HIS A 67 2.79 11.80 9.67
C HIS A 67 4.25 12.21 9.67
N VAL A 68 4.72 12.96 8.68
CA VAL A 68 6.14 13.27 8.53
C VAL A 68 6.53 14.42 9.45
N LEU A 69 6.18 15.64 9.05
CA LEU A 69 6.50 16.81 9.85
C LEU A 69 5.99 16.75 11.28
N PRO A 70 4.77 16.29 11.58
CA PRO A 70 4.33 16.23 12.99
C PRO A 70 5.21 15.33 13.85
N ASN A 71 5.69 14.21 13.30
CA ASN A 71 6.47 13.26 14.08
C ASN A 71 7.90 13.15 13.56
N ILE A 72 8.60 14.27 13.46
CA ILE A 72 9.97 14.28 12.95
C ILE A 72 10.92 13.97 14.10
N ARG A 73 12.09 13.42 13.76
CA ARG A 73 13.08 13.03 14.75
C ARG A 73 14.49 13.34 14.23
N ILE A 74 15.38 13.68 15.16
CA ILE A 74 16.76 14.03 14.87
C ILE A 74 17.65 13.21 15.80
N LYS A 75 18.67 12.57 15.24
CA LYS A 75 19.61 11.78 16.04
C LYS A 75 20.71 12.68 16.57
N GLY A 76 20.93 12.59 17.88
CA GLY A 76 22.03 13.31 18.51
C GLY A 76 21.87 14.81 18.51
N LEU A 77 20.68 15.29 18.85
CA LEU A 77 20.44 16.73 18.96
C LEU A 77 19.28 17.01 19.88
N SER A 78 19.47 17.91 20.84
CA SER A 78 18.37 18.45 21.61
C SER A 78 17.71 19.55 20.80
N PHE A 79 16.38 19.50 20.70
CA PHE A 79 15.67 20.44 19.84
C PHE A 79 14.27 20.66 20.37
N SER A 80 13.65 21.74 19.88
CA SER A 80 12.30 22.13 20.28
C SER A 80 11.46 22.39 19.05
N VAL A 81 10.15 22.52 19.28
CA VAL A 81 9.16 22.73 18.22
C VAL A 81 8.38 24.01 18.54
N LYS A 82 8.33 24.92 17.56
CA LYS A 82 7.55 26.14 17.71
C LYS A 82 6.14 25.98 17.13
N VAL A 83 6.06 25.67 15.83
CA VAL A 83 4.79 25.41 15.17
C VAL A 83 5.01 24.25 14.20
N CYS A 84 3.96 23.48 13.94
CA CYS A 84 4.11 22.31 13.09
C CYS A 84 2.76 21.85 12.56
N GLY A 85 2.71 21.62 11.25
CA GLY A 85 1.60 20.97 10.58
C GLY A 85 2.12 19.88 9.65
N GLU A 86 1.39 19.67 8.56
CA GLU A 86 1.80 18.72 7.53
CA GLU A 86 1.84 18.71 7.56
C GLU A 86 2.61 19.36 6.42
N ARG A 87 2.49 20.67 6.23
CA ARG A 87 3.20 21.40 5.18
C ARG A 87 4.37 22.21 5.72
N LYS A 88 4.18 22.91 6.84
CA LYS A 88 5.21 23.76 7.42
C LYS A 88 5.57 23.25 8.81
N CYS A 89 6.85 23.39 9.16
CA CYS A 89 7.34 23.01 10.49
C CYS A 89 8.54 23.89 10.82
N VAL A 90 8.46 24.59 11.95
CA VAL A 90 9.50 25.52 12.38
C VAL A 90 10.04 25.04 13.73
N LEU A 91 11.36 24.88 13.81
CA LEU A 91 12.02 24.38 15.00
C LEU A 91 13.17 25.29 15.39
N PHE A 92 13.32 25.52 16.70
CA PHE A 92 14.55 26.08 17.23
C PHE A 92 15.49 24.93 17.57
N ILE A 93 16.78 25.16 17.39
CA ILE A 93 17.80 24.13 17.49
C ILE A 93 18.98 24.67 18.31
N GLU A 94 19.88 23.75 18.67
CA GLU A 94 21.07 24.07 19.46
C GLU A 94 22.29 23.54 18.71
N TRP A 95 22.79 24.32 17.77
CA TRP A 95 24.01 23.92 17.11
C TRP A 95 25.12 24.74 17.71
N GLU A 96 26.11 24.05 18.27
CA GLU A 96 27.28 24.70 18.88
C GLU A 96 27.02 25.72 20.00
N LYS A 97 26.01 25.42 20.80
CA LYS A 97 25.59 26.17 22.01
C LYS A 97 24.83 27.45 21.72
N LYS A 98 24.72 27.77 20.45
CA LYS A 98 23.95 28.91 19.96
C LYS A 98 22.60 28.46 19.42
N THR A 99 21.66 29.40 19.37
CA THR A 99 20.27 29.13 19.04
C THR A 99 19.94 29.77 17.69
N TYR A 100 19.39 28.95 16.80
CA TYR A 100 18.98 29.43 15.48
C TYR A 100 17.61 28.86 15.14
N GLN A 101 16.95 29.50 14.19
CA GLN A 101 15.62 29.10 13.73
C GLN A 101 15.74 28.27 12.46
N LEU A 102 14.88 27.27 12.32
CA LEU A 102 14.93 26.36 11.20
C LEU A 102 13.54 26.19 10.61
N ASP A 103 13.47 26.12 9.28
CA ASP A 103 12.21 25.98 8.56
C ASP A 103 12.22 24.67 7.78
N LEU A 104 11.10 23.96 7.81
CA LEU A 104 10.96 22.65 7.20
C LEU A 104 9.64 22.60 6.43
N PHE A 105 9.72 22.23 5.15
CA PHE A 105 8.55 22.18 4.29
C PHE A 105 8.53 20.85 3.55
N THR A 106 7.32 20.38 3.25
CA THR A 106 7.14 19.12 2.54
C THR A 106 6.42 19.35 1.23
N ALA A 107 6.78 18.54 0.24
CA ALA A 107 6.15 18.58 -1.08
C ALA A 107 6.11 17.17 -1.63
N LEU A 108 5.23 16.97 -2.61
CA LEU A 108 5.09 15.66 -3.22
C LEU A 108 5.99 15.55 -4.44
N ALA A 109 6.23 14.30 -4.86
CA ALA A 109 7.17 14.05 -5.95
C ALA A 109 6.76 14.76 -7.22
N GLU A 110 5.46 14.94 -7.44
CA GLU A 110 4.98 15.68 -8.60
C GLU A 110 4.95 17.19 -8.36
N GLU A 111 4.97 17.63 -7.10
CA GLU A 111 5.01 19.05 -6.80
C GLU A 111 6.42 19.63 -6.82
N LYS A 112 7.44 18.78 -6.97
CA LYS A 112 8.85 19.11 -6.85
C LYS A 112 9.24 20.37 -7.64
N PRO A 113 9.06 20.43 -8.97
CA PRO A 113 9.52 21.63 -9.68
C PRO A 113 8.75 22.89 -9.32
N TYR A 114 7.43 22.78 -9.13
CA TYR A 114 6.66 23.94 -8.69
C TYR A 114 7.07 24.38 -7.28
N ALA A 115 7.39 23.43 -6.41
CA ALA A 115 7.78 23.76 -5.05
C ALA A 115 9.18 24.37 -5.00
N ILE A 116 10.15 23.71 -5.64
CA ILE A 116 11.53 24.21 -5.67
C ILE A 116 11.56 25.69 -6.01
N PHE A 117 10.88 26.07 -7.09
CA PHE A 117 10.87 27.47 -7.52
C PHE A 117 10.36 28.40 -6.43
N HIS A 118 9.22 28.05 -5.83
CA HIS A 118 8.62 28.88 -4.79
C HIS A 118 9.59 29.16 -3.64
N PHE A 119 10.05 28.09 -2.98
CA PHE A 119 10.81 28.24 -1.75
C PHE A 119 12.22 28.77 -1.98
N THR A 120 12.70 28.82 -3.23
CA THR A 120 13.99 29.44 -3.51
C THR A 120 13.93 30.95 -3.29
N GLY A 121 12.81 31.58 -3.66
CA GLY A 121 12.66 33.02 -3.54
C GLY A 121 13.55 33.76 -4.53
N PRO A 122 13.85 35.04 -4.24
CA PRO A 122 13.37 35.78 -3.06
C PRO A 122 11.97 36.36 -3.25
N VAL A 123 11.49 37.11 -2.26
CA VAL A 123 10.12 37.60 -2.28
C VAL A 123 9.88 38.46 -3.52
N SER A 124 10.68 39.52 -3.68
CA SER A 124 10.48 40.47 -4.77
C SER A 124 10.42 39.77 -6.13
N TYR A 125 11.39 38.91 -6.42
CA TYR A 125 11.40 38.17 -7.67
C TYR A 125 10.10 37.39 -7.88
N LEU A 126 9.59 36.76 -6.82
CA LEU A 126 8.37 35.97 -6.94
C LEU A 126 7.16 36.87 -7.22
N ILE A 127 7.07 38.01 -6.53
CA ILE A 127 5.92 38.89 -6.71
C ILE A 127 5.84 39.40 -8.14
N ARG A 128 6.97 39.87 -8.68
CA ARG A 128 6.99 40.42 -10.03
C ARG A 128 6.57 39.39 -11.07
N ILE A 129 7.02 38.14 -10.92
CA ILE A 129 6.62 37.09 -11.84
C ILE A 129 5.13 36.79 -11.70
N ARG A 130 4.68 36.50 -10.48
CA ARG A 130 3.28 36.19 -10.23
C ARG A 130 2.35 37.34 -10.60
N ALA A 131 2.85 38.58 -10.59
CA ALA A 131 2.02 39.71 -11.00
C ALA A 131 1.61 39.59 -12.46
N ALA A 132 2.58 39.38 -13.35
CA ALA A 132 2.26 39.23 -14.77
C ALA A 132 1.38 38.02 -15.03
N LEU A 133 1.56 36.94 -14.26
CA LEU A 133 0.73 35.76 -14.44
C LEU A 133 -0.70 36.02 -13.98
N LYS A 134 -0.86 36.80 -12.92
CA LYS A 134 -2.20 37.20 -12.47
C LYS A 134 -2.93 38.00 -13.54
N LYS A 135 -2.20 38.73 -14.38
CA LYS A 135 -2.80 39.46 -15.49
C LYS A 135 -3.20 38.57 -16.66
N LYS A 136 -2.96 37.26 -16.58
CA LYS A 136 -3.31 36.33 -17.64
C LYS A 136 -4.21 35.20 -17.13
N ASN A 137 -4.97 35.47 -16.06
CA ASN A 137 -5.93 34.51 -15.50
C ASN A 137 -5.23 33.26 -14.97
N TYR A 138 -3.99 33.38 -14.52
CA TYR A 138 -3.24 32.26 -13.98
C TYR A 138 -2.92 32.49 -12.52
N LYS A 139 -2.79 31.38 -11.78
CA LYS A 139 -2.45 31.39 -10.35
C LYS A 139 -1.27 30.46 -10.13
N LEU A 140 -0.16 31.02 -9.64
CA LEU A 140 1.06 30.25 -9.39
C LEU A 140 1.26 30.07 -7.90
N ASN A 141 1.56 28.84 -7.48
CA ASN A 141 1.91 28.56 -6.10
C ASN A 141 2.94 27.44 -6.08
N GLN A 142 3.38 27.08 -4.86
CA GLN A 142 4.37 26.01 -4.72
C GLN A 142 3.84 24.66 -5.19
N TYR A 143 2.52 24.50 -5.30
CA TYR A 143 1.93 23.21 -5.66
C TYR A 143 1.90 23.01 -7.17
N GLY A 144 1.23 23.90 -7.90
CA GLY A 144 1.15 23.77 -9.33
C GLY A 144 0.81 25.07 -10.02
N LEU A 145 0.25 24.95 -11.22
CA LEU A 145 -0.17 26.08 -12.03
C LEU A 145 -1.62 25.90 -12.43
N PHE A 146 -2.38 27.00 -12.42
CA PHE A 146 -3.82 26.93 -12.63
C PHE A 146 -4.25 27.93 -13.69
N LYS A 147 -5.41 27.66 -14.28
CA LYS A 147 -6.18 28.64 -15.05
C LYS A 147 -7.65 28.41 -14.77
N ASN A 148 -8.30 29.41 -14.18
CA ASN A 148 -9.69 29.30 -13.73
C ASN A 148 -9.87 28.14 -12.75
N GLN A 149 -8.90 28.01 -11.84
CA GLN A 149 -8.92 26.99 -10.78
C GLN A 149 -8.94 25.57 -11.34
N THR A 150 -8.35 25.39 -12.52
CA THR A 150 -8.17 24.08 -13.13
C THR A 150 -6.68 23.90 -13.39
N LEU A 151 -6.10 22.86 -12.82
CA LEU A 151 -4.66 22.67 -12.87
C LEU A 151 -4.18 22.58 -14.32
N VAL A 152 -3.03 23.19 -14.59
CA VAL A 152 -2.42 23.16 -15.92
C VAL A 152 -1.19 22.26 -15.89
N PRO A 153 -1.27 21.03 -16.39
CA PRO A 153 -0.10 20.14 -16.37
C PRO A 153 0.80 20.41 -17.56
N LEU A 154 2.10 20.52 -17.29
CA LEU A 154 3.11 20.79 -18.32
C LEU A 154 4.08 19.62 -18.39
N LYS A 155 4.58 19.35 -19.60
CA LYS A 155 5.51 18.25 -19.83
C LYS A 155 6.92 18.66 -19.40
N ILE A 156 7.06 18.86 -18.09
CA ILE A 156 8.32 19.27 -17.48
C ILE A 156 8.60 18.35 -16.29
N THR A 157 9.82 18.46 -15.77
CA THR A 157 10.23 17.64 -14.64
C THR A 157 11.05 18.48 -13.65
N THR A 158 12.04 19.20 -14.17
CA THR A 158 12.89 20.05 -13.35
C THR A 158 12.33 21.47 -13.29
N GLU A 159 12.85 22.25 -12.34
CA GLU A 159 12.47 23.65 -12.24
C GLU A 159 12.85 24.43 -13.50
N LYS A 160 14.04 24.15 -14.06
CA LYS A 160 14.48 24.82 -15.27
C LYS A 160 13.47 24.62 -16.40
N GLU A 161 13.10 23.38 -16.68
CA GLU A 161 12.09 23.09 -17.70
C GLU A 161 10.83 23.91 -17.47
N LEU A 162 10.37 23.99 -16.22
CA LEU A 162 9.19 24.79 -15.90
C LEU A 162 9.40 26.25 -16.28
N ILE A 163 10.52 26.84 -15.85
CA ILE A 163 10.81 28.23 -16.14
C ILE A 163 10.83 28.48 -17.65
N LYS A 164 11.49 27.59 -18.39
CA LYS A 164 11.50 27.69 -19.84
C LYS A 164 10.08 27.58 -20.41
N GLU A 165 9.29 26.65 -19.90
CA GLU A 165 7.91 26.54 -20.33
C GLU A 165 7.08 27.73 -19.86
N LEU A 166 7.46 28.35 -18.74
CA LEU A 166 6.81 29.59 -18.34
C LEU A 166 7.15 30.73 -19.30
N GLY A 167 8.29 30.66 -19.98
CA GLY A 167 8.67 31.69 -20.92
C GLY A 167 9.37 32.88 -20.30
N PHE A 168 10.24 32.64 -19.34
CA PHE A 168 10.96 33.70 -18.65
C PHE A 168 12.45 33.43 -18.68
N THR A 169 13.22 34.50 -18.45
CA THR A 169 14.67 34.39 -18.38
C THR A 169 15.09 33.61 -17.15
N TYR A 170 15.71 32.46 -17.36
CA TYR A 170 16.21 31.66 -16.25
C TYR A 170 17.27 32.42 -15.49
N ARG A 171 17.23 32.34 -14.16
CA ARG A 171 18.21 33.00 -13.31
C ARG A 171 18.60 32.02 -12.21
N ILE A 172 19.90 31.91 -11.96
CA ILE A 172 20.38 31.04 -10.88
C ILE A 172 19.96 31.67 -9.56
N PRO A 173 19.90 30.91 -8.45
CA PRO A 173 19.41 31.47 -7.18
C PRO A 173 19.93 32.86 -6.83
N LYS A 174 21.24 33.03 -6.77
CA LYS A 174 21.78 34.34 -6.37
C LYS A 174 21.46 35.41 -7.42
N LYS A 175 21.28 35.01 -8.68
CA LYS A 175 20.88 35.97 -9.71
C LYS A 175 19.41 36.35 -9.61
N ARG A 176 18.60 35.57 -8.89
CA ARG A 176 17.19 35.90 -8.72
C ARG A 176 17.03 36.95 -7.64
N LEU A 177 16.31 38.02 -7.96
CA LEU A 177 16.11 39.13 -7.05
C LEU A 177 14.97 40.04 -7.53
N MET B 4 -10.33 -37.15 14.28
CA MET B 4 -9.91 -37.34 12.90
C MET B 4 -10.81 -38.33 12.17
N LEU B 5 -10.81 -38.26 10.84
CA LEU B 5 -11.64 -39.11 10.01
C LEU B 5 -10.78 -39.76 8.94
N THR B 6 -11.19 -40.95 8.52
CA THR B 6 -10.57 -41.57 7.37
C THR B 6 -10.88 -40.78 6.10
N LEU B 7 -10.05 -41.00 5.08
CA LEU B 7 -10.30 -40.38 3.78
C LEU B 7 -11.71 -40.67 3.29
N ILE B 8 -12.11 -41.96 3.33
CA ILE B 8 -13.44 -42.33 2.88
C ILE B 8 -14.50 -41.76 3.82
N GLN B 9 -14.19 -41.66 5.11
CA GLN B 9 -15.11 -41.00 6.04
C GLN B 9 -15.41 -39.58 5.57
N GLY B 10 -14.37 -38.84 5.20
CA GLY B 10 -14.59 -37.53 4.60
C GLY B 10 -15.29 -37.62 3.26
N LYS B 11 -14.90 -38.59 2.43
CA LYS B 11 -15.55 -38.79 1.13
C LYS B 11 -17.05 -39.04 1.30
N LYS B 12 -17.40 -39.99 2.17
CA LYS B 12 -18.81 -40.31 2.42
C LYS B 12 -19.61 -39.08 2.85
N ILE B 13 -18.99 -38.14 3.55
CA ILE B 13 -19.70 -36.95 4.00
C ILE B 13 -19.99 -36.01 2.83
N VAL B 14 -19.02 -35.81 1.94
CA VAL B 14 -19.11 -34.77 0.93
C VAL B 14 -20.36 -34.92 0.07
N ASN B 15 -20.65 -36.14 -0.37
CA ASN B 15 -21.76 -36.34 -1.29
C ASN B 15 -23.12 -36.05 -0.65
N HIS B 16 -23.26 -36.34 0.65
CA HIS B 16 -24.51 -36.07 1.35
C HIS B 16 -24.84 -34.58 1.41
N LEU B 17 -23.84 -33.71 1.29
CA LEU B 17 -24.01 -32.27 1.50
C LEU B 17 -24.44 -31.52 0.25
N ARG B 18 -23.93 -31.92 -0.92
CA ARG B 18 -24.15 -31.17 -2.15
C ARG B 18 -25.62 -30.86 -2.44
N SER B 19 -26.55 -31.62 -1.87
CA SER B 19 -27.97 -31.37 -2.10
C SER B 19 -28.60 -30.45 -1.05
N ARG B 20 -28.11 -30.47 0.19
CA ARG B 20 -28.76 -29.78 1.29
C ARG B 20 -28.01 -28.50 1.68
N LEU B 21 -27.88 -27.57 0.75
CA LEU B 21 -27.08 -26.38 0.99
C LEU B 21 -27.91 -25.12 0.73
N ALA B 22 -27.74 -24.13 1.60
CA ALA B 22 -28.46 -22.86 1.50
C ALA B 22 -27.83 -21.85 2.44
N PHE B 23 -27.98 -20.57 2.08
CA PHE B 23 -27.59 -19.46 2.95
C PHE B 23 -28.74 -18.47 3.01
N GLU B 24 -28.90 -17.84 4.18
CA GLU B 24 -30.02 -16.94 4.39
C GLU B 24 -29.66 -15.52 3.95
N TYR B 25 -30.67 -14.81 3.43
CA TYR B 25 -30.47 -13.48 2.87
C TYR B 25 -31.80 -12.80 2.57
N ASN B 26 -32.23 -11.90 3.47
CA ASN B 26 -33.50 -11.18 3.32
C ASN B 26 -34.67 -12.15 3.20
N GLY B 27 -34.67 -13.19 4.04
CA GLY B 27 -35.67 -14.23 3.98
C GLY B 27 -35.51 -15.20 2.83
N GLN B 28 -34.83 -14.81 1.76
CA GLN B 28 -34.60 -15.67 0.61
C GLN B 28 -33.50 -16.68 0.94
N LEU B 29 -33.89 -17.88 1.33
CA LEU B 29 -32.93 -18.96 1.52
C LEU B 29 -32.57 -19.48 0.14
N ILE B 30 -31.32 -19.29 -0.27
CA ILE B 30 -30.88 -19.55 -1.64
C ILE B 30 -29.98 -20.78 -1.62
N LYS B 31 -30.34 -21.79 -2.39
CA LYS B 31 -29.56 -23.02 -2.44
C LYS B 31 -28.24 -22.78 -3.15
N ILE B 32 -27.22 -23.56 -2.74
CA ILE B 32 -25.89 -23.48 -3.33
C ILE B 32 -25.70 -24.67 -4.25
N LEU B 33 -25.26 -24.40 -5.48
CA LEU B 33 -25.20 -25.43 -6.51
C LEU B 33 -23.92 -26.24 -6.42
N SER B 34 -24.03 -27.54 -6.74
CA SER B 34 -22.89 -28.45 -6.60
C SER B 34 -21.77 -28.13 -7.59
N LYS B 35 -22.11 -27.54 -8.75
CA LYS B 35 -21.08 -27.20 -9.71
C LYS B 35 -20.08 -26.21 -9.13
N ASN B 36 -20.59 -25.18 -8.47
CA ASN B 36 -19.78 -24.15 -7.81
C ASN B 36 -19.14 -24.66 -6.51
N ILE B 37 -19.19 -25.96 -6.24
CA ILE B 37 -18.59 -26.55 -5.06
C ILE B 37 -17.35 -27.34 -5.48
N VAL B 38 -16.26 -27.16 -4.74
CA VAL B 38 -15.01 -27.87 -4.99
C VAL B 38 -14.48 -28.35 -3.63
N ALA B 39 -14.04 -29.61 -3.59
CA ALA B 39 -13.46 -30.17 -2.38
C ALA B 39 -11.96 -29.95 -2.40
N VAL B 40 -11.41 -29.59 -1.23
CA VAL B 40 -10.00 -29.22 -1.14
C VAL B 40 -9.37 -29.74 0.15
N GLY B 41 -8.21 -29.20 0.50
CA GLY B 41 -7.55 -29.54 1.74
C GLY B 41 -6.83 -30.88 1.68
N SER B 42 -6.55 -31.41 2.88
CA SER B 42 -6.01 -32.76 2.98
C SER B 42 -6.92 -33.77 2.30
N LEU B 43 -8.22 -33.48 2.23
CA LEU B 43 -9.16 -34.35 1.52
C LEU B 43 -8.77 -34.49 0.05
N ARG B 44 -8.70 -33.36 -0.66
CA ARG B 44 -8.33 -33.41 -2.08
C ARG B 44 -6.94 -34.02 -2.25
N ARG B 45 -6.02 -33.73 -1.33
CA ARG B 45 -4.71 -34.38 -1.36
C ARG B 45 -4.81 -35.89 -1.17
N GLU B 46 -6.01 -36.41 -0.91
CA GLU B 46 -6.24 -37.84 -0.77
C GLU B 46 -5.39 -38.47 0.33
N GLU B 47 -5.07 -37.69 1.37
CA GLU B 47 -4.39 -38.26 2.52
C GLU B 47 -5.29 -39.27 3.20
N LYS B 48 -4.69 -40.37 3.67
CA LYS B 48 -5.49 -41.48 4.22
C LYS B 48 -6.28 -41.06 5.44
N MET B 49 -5.62 -40.42 6.41
CA MET B 49 -6.27 -39.95 7.62
C MET B 49 -6.42 -38.43 7.52
N LEU B 50 -7.60 -37.93 7.83
CA LEU B 50 -7.93 -36.52 7.70
C LEU B 50 -7.89 -35.84 9.07
N ASN B 51 -7.11 -34.76 9.17
CA ASN B 51 -7.13 -33.96 10.38
C ASN B 51 -8.43 -33.19 10.52
N ASP B 52 -8.97 -32.70 9.40
CA ASP B 52 -10.24 -31.99 9.37
C ASP B 52 -10.74 -31.98 7.92
N VAL B 53 -11.83 -31.26 7.67
CA VAL B 53 -12.45 -31.21 6.35
C VAL B 53 -12.43 -29.76 5.87
N ASP B 54 -12.14 -29.59 4.57
CA ASP B 54 -11.92 -28.26 3.99
C ASP B 54 -12.66 -28.18 2.67
N LEU B 55 -13.54 -27.18 2.53
CA LEU B 55 -14.38 -27.04 1.36
C LEU B 55 -14.32 -25.61 0.82
N LEU B 56 -14.34 -25.49 -0.50
CA LEU B 56 -14.30 -24.21 -1.20
C LEU B 56 -15.64 -23.96 -1.91
N ILE B 57 -15.97 -22.67 -2.08
CA ILE B 57 -17.23 -22.25 -2.66
C ILE B 57 -16.95 -21.23 -3.76
N ILE B 58 -17.61 -21.42 -4.91
CA ILE B 58 -17.50 -20.50 -6.04
C ILE B 58 -18.66 -19.52 -5.93
N VAL B 59 -18.39 -18.32 -5.44
CA VAL B 59 -19.40 -17.26 -5.34
C VAL B 59 -19.34 -16.43 -6.63
N PRO B 60 -20.46 -16.28 -7.34
CA PRO B 60 -20.42 -15.58 -8.64
C PRO B 60 -20.40 -14.06 -8.53
N GLU B 61 -20.87 -13.47 -7.44
CA GLU B 61 -21.06 -12.03 -7.35
C GLU B 61 -20.36 -11.48 -6.12
N LYS B 62 -19.81 -10.27 -6.25
CA LYS B 62 -18.93 -9.70 -5.23
C LYS B 62 -19.69 -9.29 -3.98
N LYS B 63 -20.87 -8.68 -4.14
CA LYS B 63 -21.60 -8.14 -2.99
C LYS B 63 -22.06 -9.24 -2.03
N LEU B 64 -22.23 -10.47 -2.52
CA LEU B 64 -22.74 -11.56 -1.68
C LEU B 64 -21.86 -11.84 -0.47
N LEU B 65 -20.58 -11.48 -0.54
CA LEU B 65 -19.60 -11.83 0.50
C LEU B 65 -20.13 -11.59 1.91
N LYS B 66 -20.61 -10.38 2.18
CA LYS B 66 -21.07 -10.05 3.53
C LYS B 66 -22.41 -10.69 3.90
N HIS B 67 -22.94 -11.63 3.12
CA HIS B 67 -24.20 -12.30 3.45
C HIS B 67 -24.15 -13.81 3.37
N VAL B 68 -23.16 -14.42 2.72
CA VAL B 68 -23.15 -15.85 2.49
C VAL B 68 -22.71 -16.58 3.76
N LEU B 69 -21.41 -16.58 4.03
CA LEU B 69 -20.89 -17.24 5.22
C LEU B 69 -21.53 -16.77 6.53
N PRO B 70 -21.78 -15.47 6.76
CA PRO B 70 -22.42 -15.07 8.02
C PRO B 70 -23.80 -15.68 8.22
N ASN B 71 -24.59 -15.81 7.16
CA ASN B 71 -25.95 -16.31 7.30
C ASN B 71 -26.12 -17.65 6.58
N ILE B 72 -25.27 -18.62 6.91
CA ILE B 72 -25.33 -19.94 6.32
C ILE B 72 -26.31 -20.80 7.11
N ARG B 73 -26.84 -21.83 6.45
CA ARG B 73 -27.82 -22.72 7.07
C ARG B 73 -27.51 -24.15 6.67
N ILE B 74 -27.80 -25.08 7.57
CA ILE B 74 -27.48 -26.49 7.38
C ILE B 74 -28.72 -27.33 7.65
N LYS B 75 -29.04 -28.21 6.70
CA LYS B 75 -30.18 -29.12 6.81
C LYS B 75 -29.76 -30.43 7.47
N GLY B 76 -30.45 -30.79 8.54
CA GLY B 76 -30.31 -32.11 9.14
C GLY B 76 -28.98 -32.46 9.76
N LEU B 77 -28.39 -31.56 10.55
CA LEU B 77 -27.15 -31.87 11.25
C LEU B 77 -27.01 -30.95 12.44
N SER B 78 -26.66 -31.51 13.59
CA SER B 78 -26.33 -30.71 14.76
C SER B 78 -24.93 -30.11 14.61
N PHE B 79 -24.82 -28.80 14.84
CA PHE B 79 -23.58 -28.09 14.63
C PHE B 79 -23.53 -26.86 15.52
N SER B 80 -22.34 -26.30 15.66
CA SER B 80 -22.10 -25.10 16.43
C SER B 80 -21.28 -24.12 15.60
N VAL B 81 -21.20 -22.88 16.07
CA VAL B 81 -20.46 -21.82 15.38
C VAL B 81 -19.42 -21.26 16.33
N LYS B 82 -18.16 -21.32 15.93
CA LYS B 82 -17.06 -20.76 16.71
C LYS B 82 -16.65 -19.37 16.22
N VAL B 83 -16.25 -19.28 14.95
CA VAL B 83 -15.84 -18.02 14.34
C VAL B 83 -16.38 -17.97 12.92
N CYS B 84 -16.61 -16.77 12.41
CA CYS B 84 -17.20 -16.61 11.09
C CYS B 84 -16.93 -15.21 10.55
N GLY B 85 -16.46 -15.14 9.31
CA GLY B 85 -16.36 -13.88 8.58
C GLY B 85 -16.95 -14.02 7.20
N GLU B 86 -16.53 -13.19 6.25
CA GLU B 86 -17.00 -13.28 4.88
C GLU B 86 -16.19 -14.25 4.03
N ARG B 87 -14.93 -14.49 4.40
CA ARG B 87 -14.04 -15.40 3.68
C ARG B 87 -13.86 -16.73 4.38
N LYS B 88 -13.69 -16.72 5.71
CA LYS B 88 -13.47 -17.94 6.48
C LYS B 88 -14.63 -18.17 7.44
N CYS B 89 -14.95 -19.44 7.65
CA CYS B 89 -15.99 -19.84 8.60
C CYS B 89 -15.68 -21.25 9.10
N VAL B 90 -15.58 -21.41 10.41
CA VAL B 90 -15.23 -22.67 11.05
C VAL B 90 -16.38 -23.10 11.95
N LEU B 91 -16.88 -24.32 11.74
CA LEU B 91 -18.01 -24.85 12.50
C LEU B 91 -17.66 -26.25 13.01
N PHE B 92 -18.07 -26.52 14.25
CA PHE B 92 -18.08 -27.87 14.78
C PHE B 92 -19.41 -28.55 14.47
N ILE B 93 -19.36 -29.86 14.26
CA ILE B 93 -20.51 -30.63 13.79
C ILE B 93 -20.62 -31.92 14.60
N GLU B 94 -21.76 -32.60 14.44
CA GLU B 94 -22.06 -33.87 15.10
C GLU B 94 -22.46 -34.86 14.01
N TRP B 95 -21.46 -35.47 13.39
CA TRP B 95 -21.71 -36.46 12.40
C TRP B 95 -21.64 -37.83 13.04
N GLU B 96 -22.75 -38.54 13.07
CA GLU B 96 -22.79 -39.89 13.58
C GLU B 96 -22.20 -40.08 14.98
N LYS B 97 -22.54 -39.17 15.89
CA LYS B 97 -22.17 -39.19 17.33
C LYS B 97 -20.74 -38.79 17.70
N LYS B 98 -19.96 -38.43 16.71
CA LYS B 98 -18.62 -37.89 16.90
C LYS B 98 -18.51 -36.46 16.39
N THR B 99 -17.55 -35.73 16.95
CA THR B 99 -17.36 -34.31 16.69
C THR B 99 -16.02 -34.08 16.00
N TYR B 100 -16.05 -33.36 14.88
CA TYR B 100 -14.84 -33.02 14.12
C TYR B 100 -14.89 -31.56 13.69
N GLN B 101 -13.73 -31.05 13.28
CA GLN B 101 -13.59 -29.66 12.86
C GLN B 101 -13.73 -29.56 11.34
N LEU B 102 -14.36 -28.48 10.88
CA LEU B 102 -14.64 -28.26 9.47
C LEU B 102 -14.26 -26.84 9.09
N ASP B 103 -13.70 -26.68 7.89
CA ASP B 103 -13.27 -25.39 7.38
C ASP B 103 -14.05 -25.06 6.09
N LEU B 104 -14.50 -23.81 5.98
CA LEU B 104 -15.34 -23.38 4.87
C LEU B 104 -14.83 -22.04 4.35
N PHE B 105 -14.58 -21.96 3.05
CA PHE B 105 -14.03 -20.77 2.42
C PHE B 105 -14.80 -20.42 1.15
N THR B 106 -14.82 -19.12 0.83
CA THR B 106 -15.48 -18.60 -0.35
C THR B 106 -14.47 -17.94 -1.27
N ALA B 107 -14.72 -18.00 -2.57
CA ALA B 107 -13.83 -17.42 -3.56
C ALA B 107 -14.66 -16.84 -4.71
N LEU B 108 -14.03 -15.94 -5.45
CA LEU B 108 -14.69 -15.26 -6.56
C LEU B 108 -14.41 -15.98 -7.88
N ALA B 109 -15.25 -15.69 -8.88
CA ALA B 109 -15.20 -16.40 -10.15
C ALA B 109 -13.87 -16.23 -10.87
N GLU B 110 -13.21 -15.08 -10.71
CA GLU B 110 -11.90 -14.89 -11.32
C GLU B 110 -10.79 -15.46 -10.48
N GLU B 111 -11.04 -15.67 -9.19
CA GLU B 111 -10.07 -16.26 -8.27
C GLU B 111 -10.06 -17.78 -8.30
N LYS B 112 -10.99 -18.41 -9.01
CA LYS B 112 -11.19 -19.86 -9.01
C LYS B 112 -9.87 -20.62 -9.15
N PRO B 113 -9.10 -20.46 -10.24
CA PRO B 113 -7.85 -21.23 -10.34
C PRO B 113 -6.83 -20.81 -9.30
N TYR B 114 -6.74 -19.52 -9.01
CA TYR B 114 -5.83 -19.05 -7.97
C TYR B 114 -6.23 -19.59 -6.60
N ALA B 115 -7.54 -19.67 -6.34
CA ALA B 115 -8.01 -20.17 -5.05
C ALA B 115 -7.85 -21.67 -4.93
N ILE B 116 -8.36 -22.42 -5.94
CA ILE B 116 -8.24 -23.87 -5.97
C ILE B 116 -6.80 -24.30 -5.68
N PHE B 117 -5.84 -23.71 -6.39
CA PHE B 117 -4.44 -24.06 -6.19
C PHE B 117 -4.01 -23.84 -4.74
N HIS B 118 -4.33 -22.66 -4.19
CA HIS B 118 -3.95 -22.34 -2.81
C HIS B 118 -4.47 -23.38 -1.83
N PHE B 119 -5.79 -23.57 -1.79
CA PHE B 119 -6.40 -24.39 -0.75
C PHE B 119 -6.14 -25.88 -0.92
N THR B 120 -5.64 -26.30 -2.08
CA THR B 120 -5.25 -27.70 -2.23
C THR B 120 -4.04 -28.02 -1.36
N GLY B 121 -3.10 -27.09 -1.27
CA GLY B 121 -1.91 -27.27 -0.46
C GLY B 121 -0.96 -28.34 -0.97
N PRO B 122 -0.12 -28.87 -0.07
CA PRO B 122 -0.07 -28.45 1.34
C PRO B 122 0.74 -27.17 1.52
N VAL B 123 0.93 -26.76 2.77
CA VAL B 123 1.64 -25.50 3.05
C VAL B 123 3.03 -25.53 2.44
N SER B 124 3.81 -26.57 2.75
CA SER B 124 5.19 -26.68 2.28
C SER B 124 5.29 -26.47 0.77
N TYR B 125 4.47 -27.20 0.01
CA TYR B 125 4.46 -27.05 -1.44
C TYR B 125 4.21 -25.60 -1.85
N LEU B 126 3.28 -24.92 -1.19
CA LEU B 126 2.95 -23.55 -1.55
C LEU B 126 4.11 -22.59 -1.27
N ILE B 127 4.82 -22.79 -0.15
CA ILE B 127 5.89 -21.87 0.23
C ILE B 127 6.97 -21.81 -0.85
N ARG B 128 7.38 -22.98 -1.38
CA ARG B 128 8.43 -23.00 -2.39
C ARG B 128 8.07 -22.15 -3.59
N ILE B 129 6.81 -22.21 -4.02
CA ILE B 129 6.37 -21.39 -5.14
C ILE B 129 6.41 -19.91 -4.77
N ARG B 130 5.76 -19.55 -3.66
CA ARG B 130 5.77 -18.15 -3.23
C ARG B 130 7.17 -17.66 -2.94
N ALA B 131 8.08 -18.57 -2.56
CA ALA B 131 9.47 -18.18 -2.35
C ALA B 131 10.11 -17.73 -3.67
N ALA B 132 10.01 -18.55 -4.71
CA ALA B 132 10.60 -18.22 -5.99
C ALA B 132 9.96 -16.97 -6.59
N LEU B 133 8.65 -16.81 -6.41
CA LEU B 133 7.98 -15.62 -6.93
C LEU B 133 8.35 -14.38 -6.13
N LYS B 134 8.51 -14.52 -4.82
CA LYS B 134 9.01 -13.39 -4.02
C LYS B 134 10.42 -13.02 -4.44
N LYS B 135 11.20 -13.99 -4.91
CA LYS B 135 12.51 -13.72 -5.49
C LYS B 135 12.41 -13.17 -6.91
N LYS B 136 11.20 -13.02 -7.44
CA LYS B 136 10.98 -12.48 -8.77
C LYS B 136 10.05 -11.27 -8.71
N ASN B 137 10.01 -10.60 -7.55
CA ASN B 137 9.22 -9.39 -7.33
C ASN B 137 7.72 -9.64 -7.51
N TYR B 138 7.28 -10.87 -7.25
CA TYR B 138 5.87 -11.23 -7.36
C TYR B 138 5.32 -11.65 -6.00
N LYS B 139 4.01 -11.44 -5.84
CA LYS B 139 3.30 -11.84 -4.63
C LYS B 139 2.11 -12.69 -5.06
N LEU B 140 2.10 -13.95 -4.65
CA LEU B 140 1.06 -14.90 -5.01
C LEU B 140 0.17 -15.18 -3.81
N ASN B 141 -1.14 -15.16 -4.03
CA ASN B 141 -2.10 -15.51 -3.00
C ASN B 141 -3.30 -16.19 -3.66
N GLN B 142 -4.26 -16.59 -2.83
CA GLN B 142 -5.45 -17.27 -3.33
C GLN B 142 -6.27 -16.41 -4.27
N TYR B 143 -6.09 -15.10 -4.25
CA TYR B 143 -6.90 -14.19 -5.07
C TYR B 143 -6.33 -14.05 -6.48
N GLY B 144 -5.09 -13.57 -6.59
CA GLY B 144 -4.46 -13.38 -7.87
C GLY B 144 -2.96 -13.33 -7.75
N LEU B 145 -2.33 -12.67 -8.73
CA LEU B 145 -0.89 -12.50 -8.78
C LEU B 145 -0.57 -11.02 -8.94
N PHE B 146 0.47 -10.57 -8.25
CA PHE B 146 0.81 -9.16 -8.21
C PHE B 146 2.29 -8.98 -8.55
N LYS B 147 2.61 -7.76 -8.98
CA LYS B 147 3.98 -7.25 -9.01
C LYS B 147 3.90 -5.78 -8.60
N ASN B 148 4.49 -5.46 -7.45
CA ASN B 148 4.35 -4.13 -6.85
C ASN B 148 2.88 -3.79 -6.64
N GLN B 149 2.11 -4.78 -6.19
CA GLN B 149 0.67 -4.62 -5.93
C GLN B 149 -0.09 -4.27 -7.21
N THR B 150 0.38 -4.76 -8.34
CA THR B 150 -0.28 -4.58 -9.63
C THR B 150 -0.62 -5.95 -10.21
N LEU B 151 -1.90 -6.17 -10.48
CA LEU B 151 -2.39 -7.48 -10.89
C LEU B 151 -1.70 -7.96 -12.17
N VAL B 152 -1.42 -9.27 -12.21
CA VAL B 152 -0.89 -9.91 -13.40
C VAL B 152 -2.00 -10.77 -14.00
N PRO B 153 -2.69 -10.31 -15.05
CA PRO B 153 -3.77 -11.12 -15.63
C PRO B 153 -3.22 -12.12 -16.65
N LEU B 154 -3.64 -13.38 -16.51
CA LEU B 154 -3.20 -14.45 -17.40
C LEU B 154 -4.39 -15.07 -18.10
N LYS B 155 -4.16 -15.50 -19.35
CA LYS B 155 -5.21 -16.12 -20.17
C LYS B 155 -5.37 -17.58 -19.77
N ILE B 156 -5.86 -17.78 -18.54
CA ILE B 156 -6.06 -19.10 -17.98
C ILE B 156 -7.46 -19.19 -17.40
N THR B 157 -7.87 -20.42 -17.07
CA THR B 157 -9.21 -20.67 -16.54
C THR B 157 -9.17 -21.71 -15.42
N THR B 158 -8.51 -22.84 -15.68
CA THR B 158 -8.40 -23.90 -14.69
C THR B 158 -7.14 -23.74 -13.86
N GLU B 159 -7.09 -24.47 -12.74
CA GLU B 159 -5.89 -24.48 -11.91
C GLU B 159 -4.69 -25.03 -12.68
N LYS B 160 -4.91 -26.06 -13.49
CA LYS B 160 -3.84 -26.64 -14.30
C LYS B 160 -3.19 -25.58 -15.20
N GLU B 161 -4.01 -24.89 -16.00
CA GLU B 161 -3.51 -23.83 -16.87
C GLU B 161 -2.67 -22.83 -16.10
N LEU B 162 -3.14 -22.42 -14.91
CA LEU B 162 -2.39 -21.46 -14.11
C LEU B 162 -0.98 -21.96 -13.80
N ILE B 163 -0.88 -23.19 -13.29
CA ILE B 163 0.43 -23.74 -12.92
C ILE B 163 1.36 -23.78 -14.12
N LYS B 164 0.85 -24.25 -15.27
CA LYS B 164 1.64 -24.21 -16.49
C LYS B 164 2.03 -22.79 -16.87
N GLU B 165 1.09 -21.85 -16.75
CA GLU B 165 1.41 -20.45 -17.03
C GLU B 165 2.32 -19.86 -15.96
N LEU B 166 2.26 -20.39 -14.72
CA LEU B 166 3.23 -20.01 -13.71
C LEU B 166 4.63 -20.50 -14.05
N GLY B 167 4.74 -21.55 -14.86
CA GLY B 167 6.02 -22.09 -15.25
C GLY B 167 6.57 -23.10 -14.28
N PHE B 168 5.68 -23.93 -13.72
CA PHE B 168 6.07 -24.98 -12.78
C PHE B 168 5.50 -26.31 -13.25
N THR B 169 6.11 -27.38 -12.76
CA THR B 169 5.63 -28.72 -13.08
C THR B 169 4.29 -28.98 -12.40
N TYR B 170 3.25 -29.18 -13.19
CA TYR B 170 1.95 -29.51 -12.60
C TYR B 170 2.01 -30.85 -11.90
N ARG B 171 1.41 -30.90 -10.71
CA ARG B 171 1.34 -32.12 -9.92
C ARG B 171 -0.06 -32.24 -9.32
N ILE B 172 -0.60 -33.45 -9.36
CA ILE B 172 -1.92 -33.75 -8.80
C ILE B 172 -1.85 -33.54 -7.29
N PRO B 173 -2.99 -33.34 -6.60
CA PRO B 173 -2.97 -33.03 -5.16
C PRO B 173 -2.03 -33.87 -4.32
N LYS B 174 -2.17 -35.20 -4.36
CA LYS B 174 -1.33 -36.04 -3.51
C LYS B 174 0.14 -35.96 -3.88
N LYS B 175 0.45 -35.62 -5.14
CA LYS B 175 1.84 -35.41 -5.52
C LYS B 175 2.40 -34.09 -5.00
N ARG B 176 1.53 -33.18 -4.56
CA ARG B 176 1.98 -31.91 -4.01
C ARG B 176 2.39 -32.11 -2.55
N LEU B 177 3.58 -31.61 -2.21
CA LEU B 177 4.13 -31.80 -0.88
C LEU B 177 5.26 -30.81 -0.57
#